data_5IXI
#
_entry.id   5IXI
#
_cell.length_a   81.170
_cell.length_b   110.420
_cell.length_c   94.870
_cell.angle_alpha   90.00
_cell.angle_beta   98.11
_cell.angle_gamma   90.00
#
_symmetry.space_group_name_H-M   'C 1 2 1'
#
loop_
_entity.id
_entity.type
_entity.pdbx_description
1 polymer 'Tyrosine-protein kinase JAK1'
2 polymer 'Chimera protein of Interferon lambda receptor 1 and Interleukin-10 receptor subunit alpha'
3 water water
#
loop_
_entity_poly.entity_id
_entity_poly.type
_entity_poly.pdbx_seq_one_letter_code
_entity_poly.pdbx_strand_id
1 'polypeptide(L)'
;MHHHHHHGENLYFQGSGVEVIFYLSDREPLRLGSGEYTAEELCIRAAQACRISPLCHNLFALYDENTKLWYAPNRTITVD
DKMSLRLHYRMRFYFTNWHGTNDNEQSVWRHSPKKQKNGYEKKKIPDATPLLDASSLEYLFAQGQYDLVKCLAPIRDPKT
EQDGHDIENECLGMAVLAISHYAMMKKMQLPELPKDISYKRYIPETLNKSIRQRNLLTRMRINNVFKDFLKEFNNKTICD
SSVSTHDLKVKYLATLETLTKHYGAEIFETSMLLISSENEMNWFHSNDGGNVLYYEVMVTGNLGIQWRHKPNVVSVEKEK
NKLKRKKLENKDKKDEEKNKIREEWNNFSFFPEITHIVIKESVVSINKQDNKKMELKLSSHEEALSFVSLVDGYFRLTAD
AHHYLCTDVAPPLIVHNIQNGCHGPICTEYAINKLRQEGSEEGMYVLRWSCTDFDNILMTVTCFEKSEQVQGAQKQFKNF
QIEVQKGRYSLHGSDRSFPSLGDLMSHLKKQILRTDNISFMLKRCCQPKPREISNLLVATKGNS
;
A
2 'polypeptide(L)' GSKTLMGNPWFQRKKLPSVLLFKKPSPFIFISQRPSPETQDTIHPLDEEAFLK B
#
# COMPACT_ATOMS: atom_id res chain seq x y z
N VAL A 18 1.13 19.85 -14.51
CA VAL A 18 1.61 18.53 -14.09
C VAL A 18 2.18 18.62 -12.66
N GLU A 19 1.55 17.89 -11.73
CA GLU A 19 2.02 17.86 -10.36
C GLU A 19 1.64 16.57 -9.63
N VAL A 20 2.50 16.15 -8.72
CA VAL A 20 2.26 14.98 -7.87
C VAL A 20 1.85 15.45 -6.48
N ILE A 21 0.73 14.94 -5.99
CA ILE A 21 0.14 15.38 -4.73
C ILE A 21 0.38 14.35 -3.63
N PHE A 22 0.53 14.85 -2.41
CA PHE A 22 0.69 14.00 -1.23
C PHE A 22 -0.47 14.24 -0.26
N TYR A 23 -0.86 13.20 0.46
CA TYR A 23 -1.93 13.32 1.44
C TYR A 23 -1.38 13.89 2.76
N LEU A 24 -0.06 13.93 2.88
CA LEU A 24 0.58 14.64 3.99
C LEU A 24 0.41 16.14 3.77
N SER A 25 -0.01 16.85 4.81
CA SER A 25 -0.33 18.27 4.68
C SER A 25 0.94 19.14 4.64
N ASP A 26 1.89 18.84 5.51
CA ASP A 26 3.11 19.64 5.60
C ASP A 26 4.01 19.46 4.38
N ARG A 27 3.65 18.52 3.50
CA ARG A 27 4.40 18.28 2.27
C ARG A 27 3.71 18.94 1.08
N GLU A 28 4.38 19.93 0.49
CA GLU A 28 3.88 20.59 -0.71
C GLU A 28 4.05 19.67 -1.92
N PRO A 29 3.21 19.85 -2.95
CA PRO A 29 3.22 18.94 -4.10
C PRO A 29 4.41 19.15 -5.05
N LEU A 30 4.90 18.07 -5.65
CA LEU A 30 5.98 18.13 -6.62
C LEU A 30 5.46 18.62 -7.97
N ARG A 31 5.97 19.75 -8.43
CA ARG A 31 5.63 20.28 -9.75
C ARG A 31 6.73 19.93 -10.75
N LEU A 32 6.32 19.45 -11.93
CA LEU A 32 7.26 18.99 -12.94
C LEU A 32 7.31 19.94 -14.14
N GLY A 33 8.51 20.10 -14.70
CA GLY A 33 8.70 20.90 -15.89
C GLY A 33 8.54 20.05 -17.14
N SER A 34 8.80 20.63 -18.30
CA SER A 34 8.71 19.92 -19.57
C SER A 34 9.73 18.78 -19.61
N GLY A 35 9.34 17.67 -20.23
CA GLY A 35 10.23 16.52 -20.38
C GLY A 35 9.56 15.20 -20.04
N GLU A 36 10.27 14.11 -20.31
CA GLU A 36 9.76 12.77 -20.06
C GLU A 36 10.13 12.28 -18.65
N TYR A 37 9.17 11.60 -18.01
CA TYR A 37 9.43 10.92 -16.75
C TYR A 37 8.78 9.54 -16.79
N THR A 38 9.20 8.65 -15.91
CA THR A 38 8.47 7.41 -15.68
C THR A 38 7.80 7.50 -14.32
N ALA A 39 6.70 6.76 -14.16
CA ALA A 39 5.96 6.77 -12.89
C ALA A 39 6.87 6.30 -11.76
N GLU A 40 7.77 5.37 -12.09
CA GLU A 40 8.66 4.79 -11.09
C GLU A 40 9.57 5.85 -10.46
N GLU A 41 10.28 6.62 -11.29
CA GLU A 41 11.22 7.60 -10.77
C GLU A 41 10.49 8.74 -10.05
N LEU A 42 9.30 9.08 -10.53
CA LEU A 42 8.46 10.05 -9.83
C LEU A 42 8.04 9.47 -8.48
N CYS A 43 7.79 8.17 -8.44
CA CYS A 43 7.52 7.50 -7.17
C CYS A 43 8.75 7.48 -6.28
N ILE A 44 9.94 7.33 -6.88
CA ILE A 44 11.18 7.43 -6.12
C ILE A 44 11.28 8.81 -5.46
N ARG A 45 11.11 9.85 -6.27
CA ARG A 45 11.15 11.22 -5.77
C ARG A 45 10.09 11.46 -4.71
N ALA A 46 8.88 10.96 -4.96
CA ALA A 46 7.79 11.05 -4.00
C ALA A 46 8.19 10.38 -2.68
N ALA A 47 8.77 9.19 -2.79
CA ALA A 47 9.21 8.43 -1.62
C ALA A 47 10.24 9.21 -0.83
N GLN A 48 11.22 9.77 -1.54
CA GLN A 48 12.25 10.59 -0.89
C GLN A 48 11.64 11.82 -0.23
N ALA A 49 10.65 12.43 -0.89
CA ALA A 49 9.99 13.61 -0.34
C ALA A 49 9.22 13.28 0.94
N CYS A 50 8.63 12.08 0.99
CA CYS A 50 7.83 11.66 2.14
C CYS A 50 8.61 10.75 3.09
N ARG A 51 9.93 10.68 2.87
CA ARG A 51 10.81 9.86 3.71
C ARG A 51 10.38 8.40 3.74
N ILE A 52 9.80 7.94 2.64
CA ILE A 52 9.43 6.54 2.50
C ILE A 52 10.67 5.72 2.21
N SER A 53 10.83 4.62 2.95
CA SER A 53 12.03 3.80 2.83
C SER A 53 12.07 3.06 1.48
N PRO A 54 13.28 2.69 1.02
CA PRO A 54 13.42 1.88 -0.19
C PRO A 54 12.64 0.56 -0.08
N LEU A 55 12.53 0.05 1.13
CA LEU A 55 11.83 -1.20 1.39
C LEU A 55 10.34 -1.10 1.08
N CYS A 56 9.74 0.04 1.43
CA CYS A 56 8.30 0.24 1.27
C CYS A 56 7.92 0.92 -0.03
N HIS A 57 8.90 1.31 -0.81
CA HIS A 57 8.62 2.06 -2.01
C HIS A 57 7.67 1.39 -2.97
N ASN A 58 7.80 0.12 -3.15
CA ASN A 58 6.97 -0.58 -4.12
C ASN A 58 5.52 -0.74 -3.67
N LEU A 59 5.20 -0.27 -2.47
CA LEU A 59 3.83 -0.30 -1.98
C LEU A 59 3.04 0.88 -2.52
N PHE A 60 3.75 1.81 -3.16
CA PHE A 60 3.14 3.07 -3.61
C PHE A 60 3.03 3.13 -5.13
N ALA A 61 2.19 4.04 -5.60
CA ALA A 61 2.00 4.24 -7.03
C ALA A 61 1.26 5.55 -7.29
N LEU A 62 1.25 5.97 -8.55
CA LEU A 62 0.58 7.20 -8.94
C LEU A 62 -0.85 6.93 -9.36
N TYR A 63 -1.76 7.73 -8.82
CA TYR A 63 -3.19 7.58 -9.10
C TYR A 63 -3.77 8.87 -9.66
N ASP A 64 -4.42 8.76 -10.82
CA ASP A 64 -5.13 9.87 -11.41
C ASP A 64 -6.58 9.87 -10.89
N GLU A 65 -6.88 10.82 -10.02
CA GLU A 65 -8.19 10.88 -9.38
C GLU A 65 -9.28 11.25 -10.38
N ASN A 66 -8.88 11.81 -11.52
CA ASN A 66 -9.83 12.20 -12.56
C ASN A 66 -10.25 10.99 -13.39
N THR A 67 -9.29 10.36 -14.06
CA THR A 67 -9.58 9.19 -14.89
C THR A 67 -9.83 7.94 -14.04
N LYS A 68 -9.56 8.04 -12.74
CA LYS A 68 -9.74 6.93 -11.80
C LYS A 68 -8.91 5.71 -12.22
N LEU A 69 -7.74 5.96 -12.78
CA LEU A 69 -6.82 4.89 -13.17
C LEU A 69 -5.45 5.06 -12.52
N TRP A 70 -4.77 3.94 -12.32
CA TRP A 70 -3.40 3.94 -11.80
C TRP A 70 -2.40 3.92 -12.95
N TYR A 71 -1.19 4.39 -12.67
CA TYR A 71 -0.10 4.31 -13.63
C TYR A 71 0.72 3.05 -13.37
N ALA A 72 1.10 2.37 -14.46
CA ALA A 72 2.08 1.30 -14.37
C ALA A 72 3.45 1.93 -14.08
N PRO A 73 4.35 1.20 -13.42
CA PRO A 73 5.68 1.73 -13.10
C PRO A 73 6.43 2.26 -14.32
N ASN A 74 6.16 1.68 -15.49
CA ASN A 74 6.89 2.02 -16.70
C ASN A 74 6.18 3.07 -17.57
N ARG A 75 5.02 3.53 -17.14
CA ARG A 75 4.26 4.51 -17.90
C ARG A 75 5.04 5.82 -18.02
N THR A 76 5.16 6.31 -19.25
CA THR A 76 5.89 7.55 -19.49
C THR A 76 4.97 8.75 -19.41
N ILE A 77 5.40 9.77 -18.70
CA ILE A 77 4.67 11.03 -18.56
C ILE A 77 5.47 12.14 -19.22
N THR A 78 4.83 12.87 -20.13
CA THR A 78 5.46 13.97 -20.85
C THR A 78 4.69 15.27 -20.63
N VAL A 79 5.44 16.35 -20.39
CA VAL A 79 4.85 17.66 -20.16
C VAL A 79 5.06 18.57 -21.37
N MET A 83 0.66 21.81 -20.33
CA MET A 83 -0.50 21.06 -19.87
C MET A 83 -0.65 21.14 -18.36
N SER A 84 -1.66 20.46 -17.83
CA SER A 84 -1.93 20.46 -16.39
C SER A 84 -2.56 19.13 -15.97
N LEU A 85 -1.85 18.40 -15.12
CA LEU A 85 -2.28 17.06 -14.70
C LEU A 85 -1.96 16.79 -13.23
N ARG A 86 -2.99 16.45 -12.47
CA ARG A 86 -2.84 16.21 -11.03
C ARG A 86 -2.79 14.72 -10.72
N LEU A 87 -1.60 14.23 -10.37
CA LEU A 87 -1.43 12.82 -10.00
C LEU A 87 -1.32 12.73 -8.48
N HIS A 88 -1.76 11.60 -7.92
CA HIS A 88 -1.73 11.40 -6.48
C HIS A 88 -0.80 10.26 -6.07
N TYR A 89 0.09 10.55 -5.13
CA TYR A 89 0.99 9.54 -4.58
C TYR A 89 0.22 8.69 -3.57
N ARG A 90 -0.13 7.47 -3.96
CA ARG A 90 -0.96 6.59 -3.13
C ARG A 90 -0.25 5.29 -2.78
N MET A 91 -0.45 4.83 -1.55
CA MET A 91 -0.12 3.45 -1.20
C MET A 91 -1.17 2.57 -1.87
N ARG A 92 -0.73 1.76 -2.82
CA ARG A 92 -1.67 0.96 -3.62
C ARG A 92 -1.84 -0.44 -3.07
N PHE A 93 -0.72 -1.09 -2.78
CA PHE A 93 -0.73 -2.48 -2.36
C PHE A 93 -0.95 -2.59 -0.87
N TYR A 94 -1.84 -3.50 -0.48
CA TYR A 94 -2.35 -3.56 0.87
C TYR A 94 -2.65 -5.00 1.30
N PHE A 95 -2.42 -5.28 2.57
CA PHE A 95 -2.72 -6.59 3.13
C PHE A 95 -3.56 -6.42 4.40
N THR A 96 -4.83 -6.77 4.30
CA THR A 96 -5.75 -6.65 5.42
C THR A 96 -5.17 -7.30 6.67
N ASN A 97 -5.23 -6.57 7.78
CA ASN A 97 -4.71 -7.01 9.06
C ASN A 97 -3.17 -7.08 9.07
N TRP A 98 -2.55 -6.19 8.30
CA TRP A 98 -1.11 -5.96 8.40
C TRP A 98 -0.75 -5.55 9.83
N HIS A 99 -1.72 -4.93 10.49
CA HIS A 99 -1.53 -4.41 11.84
C HIS A 99 -1.56 -5.52 12.91
N GLY A 100 -2.32 -6.57 12.65
CA GLY A 100 -2.35 -7.72 13.53
C GLY A 100 -3.21 -7.57 14.77
N THR A 101 -4.02 -6.51 14.80
CA THR A 101 -4.91 -6.25 15.93
C THR A 101 -6.25 -6.97 15.77
N ASN A 102 -6.43 -7.65 14.64
CA ASN A 102 -7.62 -8.46 14.38
C ASN A 102 -7.34 -9.91 14.73
N ASP A 103 -7.80 -10.34 15.91
CA ASP A 103 -7.49 -11.66 16.42
C ASP A 103 -8.14 -12.77 15.60
N ASN A 104 -9.16 -12.42 14.82
CA ASN A 104 -9.90 -13.39 14.02
C ASN A 104 -9.29 -13.60 12.63
N GLU A 105 -8.94 -12.50 11.98
CA GLU A 105 -8.46 -12.54 10.60
C GLU A 105 -7.02 -13.06 10.49
N GLN A 106 -6.52 -13.12 9.27
CA GLN A 106 -5.20 -13.67 8.99
C GLN A 106 -4.08 -12.74 9.48
N SER A 107 -2.89 -13.31 9.66
CA SER A 107 -1.73 -12.56 10.12
C SER A 107 -0.75 -12.32 8.97
N VAL A 108 -0.26 -11.09 8.87
CA VAL A 108 0.66 -10.69 7.80
C VAL A 108 1.99 -10.24 8.39
N TRP A 109 3.09 -10.57 7.71
CA TRP A 109 4.41 -10.18 8.17
C TRP A 109 5.47 -10.34 7.08
N ARG A 110 6.54 -9.57 7.19
CA ARG A 110 7.69 -9.73 6.29
C ARG A 110 8.60 -10.81 6.85
N HIS A 111 9.20 -11.60 5.97
CA HIS A 111 10.13 -12.65 6.40
C HIS A 111 11.33 -12.04 7.11
N SER A 112 11.87 -12.80 8.06
CA SER A 112 13.09 -12.41 8.77
C SER A 112 14.12 -13.53 8.66
N PRO A 113 15.41 -13.18 8.76
CA PRO A 113 16.47 -14.18 8.63
C PRO A 113 16.65 -15.02 9.89
N THR A 129 8.53 -9.33 12.26
CA THR A 129 8.86 -8.20 11.41
C THR A 129 7.61 -7.66 10.72
N PRO A 130 7.20 -6.43 11.04
CA PRO A 130 5.96 -5.89 10.46
C PRO A 130 6.11 -5.45 9.01
N LEU A 131 4.99 -5.27 8.33
CA LEU A 131 4.98 -4.84 6.94
C LEU A 131 5.48 -3.40 6.80
N LEU A 132 4.81 -2.47 7.47
CA LEU A 132 5.08 -1.05 7.30
C LEU A 132 6.06 -0.51 8.33
N ASP A 133 6.74 0.57 7.95
CA ASP A 133 7.56 1.35 8.87
C ASP A 133 6.79 2.61 9.25
N ALA A 134 7.36 3.42 10.13
CA ALA A 134 6.68 4.60 10.64
C ALA A 134 6.25 5.56 9.53
N SER A 135 7.13 5.76 8.55
CA SER A 135 6.85 6.65 7.43
C SER A 135 5.61 6.20 6.66
N SER A 136 5.65 4.97 6.18
CA SER A 136 4.53 4.38 5.45
C SER A 136 3.26 4.41 6.28
N LEU A 137 3.40 4.16 7.58
CA LEU A 137 2.25 4.15 8.48
C LEU A 137 1.61 5.54 8.55
N GLU A 138 2.44 6.56 8.75
CA GLU A 138 1.97 7.94 8.77
C GLU A 138 1.26 8.29 7.45
N TYR A 139 1.92 7.99 6.33
CA TYR A 139 1.34 8.30 5.04
C TYR A 139 0.00 7.58 4.86
N LEU A 140 -0.02 6.30 5.22
CA LEU A 140 -1.25 5.51 5.09
C LEU A 140 -2.35 6.08 5.97
N PHE A 141 -1.99 6.54 7.16
CA PHE A 141 -2.95 7.19 8.05
C PHE A 141 -3.55 8.42 7.38
N ALA A 142 -2.69 9.30 6.89
CA ALA A 142 -3.14 10.49 6.16
C ALA A 142 -4.06 10.12 5.00
N GLN A 143 -3.60 9.17 4.20
CA GLN A 143 -4.36 8.68 3.05
C GLN A 143 -5.70 8.10 3.47
N GLY A 144 -5.69 7.39 4.60
CA GLY A 144 -6.90 6.77 5.12
C GLY A 144 -7.90 7.83 5.51
N GLN A 145 -7.44 8.84 6.25
CA GLN A 145 -8.29 9.97 6.59
C GLN A 145 -8.87 10.59 5.33
N TYR A 146 -8.00 10.86 4.36
CA TYR A 146 -8.46 11.40 3.07
C TYR A 146 -9.55 10.54 2.45
N ASP A 147 -9.30 9.23 2.38
CA ASP A 147 -10.25 8.29 1.78
C ASP A 147 -11.58 8.29 2.52
N LEU A 148 -11.51 8.31 3.85
CA LEU A 148 -12.71 8.30 4.67
C LEU A 148 -13.53 9.56 4.44
N VAL A 149 -12.87 10.72 4.49
CA VAL A 149 -13.57 11.99 4.34
C VAL A 149 -14.12 12.16 2.92
N LYS A 150 -13.27 11.99 1.92
CA LYS A 150 -13.67 12.21 0.52
C LYS A 150 -14.47 11.03 -0.04
N CYS A 151 -14.68 10.00 0.79
CA CYS A 151 -15.55 8.87 0.48
C CYS A 151 -15.00 7.96 -0.62
N LEU A 152 -13.68 7.94 -0.78
CA LEU A 152 -13.05 6.92 -1.62
C LEU A 152 -13.07 5.59 -0.88
N ALA A 153 -13.17 5.69 0.45
CA ALA A 153 -13.45 4.53 1.30
C ALA A 153 -14.88 4.64 1.79
N PRO A 154 -15.86 4.31 0.93
CA PRO A 154 -17.27 4.49 1.29
C PRO A 154 -17.69 3.65 2.48
N ILE A 155 -18.47 4.23 3.39
CA ILE A 155 -18.91 3.52 4.58
C ILE A 155 -19.86 2.40 4.20
N ARG A 156 -19.71 1.26 4.88
CA ARG A 156 -20.51 0.08 4.58
C ARG A 156 -22.01 0.37 4.71
N ASP A 157 -22.83 -0.42 4.01
CA ASP A 157 -24.27 -0.24 4.07
C ASP A 157 -24.83 -0.77 5.38
N PRO A 158 -25.87 -0.11 5.91
CA PRO A 158 -26.46 -0.56 7.18
C PRO A 158 -27.34 -1.79 7.01
N LYS A 159 -27.28 -2.71 7.96
CA LYS A 159 -28.12 -3.90 7.96
C LYS A 159 -29.48 -3.55 8.54
N THR A 160 -29.49 -2.60 9.47
CA THR A 160 -30.71 -2.10 10.08
C THR A 160 -30.53 -0.61 10.39
N GLU A 161 -31.61 0.06 10.78
CA GLU A 161 -31.53 1.46 11.19
C GLU A 161 -30.54 1.60 12.33
N GLN A 162 -30.63 0.66 13.28
CA GLN A 162 -29.77 0.65 14.45
C GLN A 162 -28.31 0.55 14.03
N ASP A 163 -28.03 -0.39 13.12
CA ASP A 163 -26.69 -0.58 12.60
C ASP A 163 -26.19 0.71 11.94
N GLY A 164 -27.08 1.38 11.22
CA GLY A 164 -26.76 2.64 10.59
C GLY A 164 -26.33 3.68 11.61
N HIS A 165 -27.15 3.84 12.64
CA HIS A 165 -26.81 4.77 13.71
C HIS A 165 -25.46 4.40 14.33
N ASP A 166 -25.26 3.11 14.57
CA ASP A 166 -23.99 2.62 15.11
C ASP A 166 -22.83 3.04 14.20
N ILE A 167 -23.01 2.89 12.89
CA ILE A 167 -22.02 3.32 11.92
C ILE A 167 -21.70 4.81 12.09
N GLU A 168 -22.75 5.63 12.13
CA GLU A 168 -22.55 7.07 12.33
C GLU A 168 -21.76 7.36 13.62
N ASN A 169 -22.11 6.64 14.69
CA ASN A 169 -21.39 6.75 15.95
C ASN A 169 -19.91 6.40 15.80
N GLU A 170 -19.65 5.30 15.09
CA GLU A 170 -18.27 4.91 14.81
C GLU A 170 -17.54 6.03 14.07
N CYS A 171 -18.21 6.63 13.09
CA CYS A 171 -17.63 7.76 12.37
C CYS A 171 -17.24 8.90 13.34
N LEU A 172 -18.15 9.25 14.24
CA LEU A 172 -17.79 10.21 15.28
C LEU A 172 -16.54 9.76 16.05
N GLY A 173 -16.50 8.47 16.40
CA GLY A 173 -15.30 7.91 17.00
C GLY A 173 -14.04 8.15 16.17
N MET A 174 -14.16 7.89 14.87
CA MET A 174 -13.03 8.09 13.96
C MET A 174 -12.57 9.55 13.97
N ALA A 175 -13.52 10.46 13.95
CA ALA A 175 -13.21 11.88 14.05
C ALA A 175 -12.42 12.16 15.33
N VAL A 176 -12.92 11.64 16.45
CA VAL A 176 -12.22 11.78 17.72
C VAL A 176 -10.79 11.26 17.62
N LEU A 177 -10.61 10.08 17.03
CA LEU A 177 -9.27 9.53 16.83
C LEU A 177 -8.38 10.49 16.05
N ALA A 178 -8.86 10.93 14.88
CA ALA A 178 -8.10 11.86 14.04
C ALA A 178 -7.65 13.10 14.82
N ILE A 179 -8.62 13.78 15.43
CA ILE A 179 -8.33 14.99 16.19
C ILE A 179 -7.36 14.73 17.33
N SER A 180 -7.63 13.67 18.09
CA SER A 180 -6.77 13.30 19.21
C SER A 180 -5.33 13.11 18.72
N HIS A 181 -5.18 12.37 17.63
CA HIS A 181 -3.85 12.16 17.06
C HIS A 181 -3.20 13.49 16.68
N TYR A 182 -3.93 14.34 15.97
CA TYR A 182 -3.41 15.65 15.58
C TYR A 182 -2.91 16.42 16.80
N ALA A 183 -3.74 16.50 17.84
CA ALA A 183 -3.38 17.22 19.06
C ALA A 183 -2.17 16.57 19.72
N MET A 184 -2.14 15.25 19.73
CA MET A 184 -1.04 14.50 20.34
C MET A 184 0.27 14.77 19.60
N MET A 185 0.20 14.85 18.28
CA MET A 185 1.40 15.05 17.46
C MET A 185 2.01 16.44 17.67
N LYS A 186 1.17 17.43 17.84
CA LYS A 186 1.66 18.77 18.05
C LYS A 186 1.80 19.08 19.52
N LYS A 187 1.76 18.05 20.34
CA LYS A 187 1.94 18.24 21.77
C LYS A 187 0.97 19.26 22.41
N MET A 188 -0.31 19.15 22.12
CA MET A 188 -1.30 20.05 22.68
C MET A 188 -2.32 19.38 23.61
N SER A 198 -14.50 20.97 15.61
CA SER A 198 -15.64 20.43 14.88
C SER A 198 -15.31 19.08 14.25
N TYR A 199 -16.27 18.15 14.33
CA TYR A 199 -16.11 16.82 13.78
C TYR A 199 -16.34 16.80 12.27
N LYS A 200 -16.92 17.88 11.75
CA LYS A 200 -17.39 17.92 10.37
C LYS A 200 -16.31 17.57 9.34
N ARG A 201 -15.08 18.01 9.58
CA ARG A 201 -14.00 17.85 8.61
C ARG A 201 -13.26 16.51 8.78
N TYR A 202 -13.80 15.62 9.61
CA TYR A 202 -13.13 14.35 9.90
C TYR A 202 -14.05 13.14 9.70
N ILE A 203 -15.24 13.38 9.13
CA ILE A 203 -16.17 12.31 8.82
C ILE A 203 -16.45 12.30 7.32
N PRO A 204 -16.99 11.18 6.80
CA PRO A 204 -17.38 11.15 5.40
C PRO A 204 -18.37 12.26 5.04
N GLU A 205 -18.17 12.89 3.89
CA GLU A 205 -19.00 14.01 3.46
C GLU A 205 -20.47 13.61 3.32
N THR A 206 -20.70 12.35 2.94
CA THR A 206 -22.06 11.82 2.84
C THR A 206 -22.81 11.98 4.16
N LEU A 207 -22.20 11.48 5.23
CA LEU A 207 -22.79 11.56 6.55
C LEU A 207 -22.97 13.02 6.97
N ASN A 208 -22.04 13.87 6.52
CA ASN A 208 -22.14 15.29 6.79
C ASN A 208 -23.41 15.86 6.15
N LYS A 209 -23.59 15.57 4.86
CA LYS A 209 -24.76 16.03 4.14
C LYS A 209 -26.03 15.42 4.75
N SER A 210 -25.93 14.19 5.22
CA SER A 210 -27.05 13.54 5.88
C SER A 210 -27.43 14.26 7.18
N ILE A 211 -26.41 14.55 7.99
CA ILE A 211 -26.63 15.24 9.26
C ILE A 211 -27.16 16.65 9.03
N ARG A 212 -26.67 17.32 7.99
CA ARG A 212 -27.12 18.67 7.67
C ARG A 212 -28.62 18.71 7.33
N GLN A 213 -29.24 17.54 7.14
CA GLN A 213 -30.65 17.47 6.78
C GLN A 213 -31.57 17.31 8.00
N ARG A 214 -30.98 17.11 9.18
CA ARG A 214 -31.75 16.88 10.39
C ARG A 214 -32.01 18.19 11.13
N ASN A 215 -32.94 18.17 12.08
CA ASN A 215 -33.31 19.39 12.80
C ASN A 215 -32.16 19.90 13.66
N LEU A 216 -32.24 21.16 14.06
CA LEU A 216 -31.13 21.83 14.74
C LEU A 216 -30.82 21.21 16.10
N LEU A 217 -31.85 20.83 16.82
CA LEU A 217 -31.69 20.19 18.12
C LEU A 217 -30.84 18.92 18.01
N THR A 218 -31.13 18.12 16.99
CA THR A 218 -30.40 16.87 16.75
C THR A 218 -28.94 17.16 16.40
N ARG A 219 -28.69 18.27 15.73
CA ARG A 219 -27.34 18.64 15.35
C ARG A 219 -26.57 19.11 16.58
N MET A 220 -27.22 19.91 17.42
CA MET A 220 -26.67 20.25 18.73
C MET A 220 -26.35 18.98 19.50
N ARG A 221 -27.29 18.04 19.46
CA ARG A 221 -27.12 16.76 20.13
C ARG A 221 -25.88 16.03 19.63
N ILE A 222 -25.74 15.91 18.32
CA ILE A 222 -24.57 15.26 17.72
C ILE A 222 -23.28 15.97 18.15
N ASN A 223 -23.28 17.30 18.11
CA ASN A 223 -22.15 18.07 18.62
C ASN A 223 -21.82 17.70 20.06
N ASN A 224 -22.81 17.74 20.95
CA ASN A 224 -22.61 17.41 22.36
C ASN A 224 -22.03 16.02 22.54
N VAL A 225 -22.64 15.03 21.88
CA VAL A 225 -22.17 13.65 21.96
C VAL A 225 -20.71 13.56 21.53
N PHE A 226 -20.39 14.19 20.40
CA PHE A 226 -19.02 14.20 19.91
C PHE A 226 -18.07 14.85 20.91
N LYS A 227 -18.46 16.00 21.45
CA LYS A 227 -17.62 16.69 22.43
C LYS A 227 -17.36 15.80 23.64
N ASP A 228 -18.41 15.12 24.10
CA ASP A 228 -18.28 14.20 25.22
C ASP A 228 -17.33 13.05 24.90
N PHE A 229 -17.48 12.47 23.70
CA PHE A 229 -16.56 11.42 23.26
C PHE A 229 -15.13 11.91 23.28
N LEU A 230 -14.88 13.05 22.63
CA LEU A 230 -13.53 13.61 22.53
C LEU A 230 -12.93 13.85 23.91
N LYS A 231 -13.68 14.55 24.76
CA LYS A 231 -13.22 14.85 26.11
C LYS A 231 -12.90 13.56 26.87
N GLU A 232 -13.86 12.64 26.90
CA GLU A 232 -13.68 11.39 27.63
C GLU A 232 -12.50 10.58 27.09
N PHE A 233 -12.30 10.62 25.78
CA PHE A 233 -11.17 9.91 25.18
C PHE A 233 -9.84 10.54 25.61
N ASN A 234 -9.70 11.84 25.41
CA ASN A 234 -8.43 12.50 25.69
C ASN A 234 -8.10 12.60 27.19
N ASN A 235 -9.13 12.69 28.02
CA ASN A 235 -8.92 12.83 29.46
C ASN A 235 -8.68 11.52 30.20
N LYS A 236 -9.31 10.45 29.73
CA LYS A 236 -9.27 9.16 30.44
C LYS A 236 -8.58 8.05 29.64
N THR A 237 -9.06 7.80 28.44
CA THR A 237 -8.62 6.64 27.66
C THR A 237 -7.15 6.72 27.27
N ILE A 238 -6.70 7.89 26.82
CA ILE A 238 -5.31 8.09 26.44
C ILE A 238 -4.37 7.67 27.56
N CYS A 239 -4.71 8.07 28.78
CA CYS A 239 -3.89 7.77 29.94
C CYS A 239 -4.10 6.33 30.42
N ASP A 240 -5.36 5.96 30.61
CA ASP A 240 -5.70 4.64 31.14
C ASP A 240 -5.16 3.51 30.27
N SER A 241 -5.52 3.52 28.99
CA SER A 241 -5.08 2.49 28.07
C SER A 241 -3.70 2.82 27.47
N SER A 242 -3.08 3.87 27.95
CA SER A 242 -1.75 4.29 27.51
C SER A 242 -1.66 4.32 25.98
N VAL A 243 -2.61 5.01 25.35
CA VAL A 243 -2.71 5.03 23.90
C VAL A 243 -1.69 5.97 23.28
N SER A 244 -0.75 5.38 22.52
CA SER A 244 0.23 6.16 21.77
C SER A 244 -0.36 6.57 20.42
N THR A 245 0.40 7.34 19.65
CA THR A 245 -0.03 7.75 18.32
C THR A 245 -0.08 6.54 17.39
N HIS A 246 0.89 5.65 17.55
CA HIS A 246 0.96 4.42 16.76
C HIS A 246 -0.34 3.61 16.89
N ASP A 247 -0.66 3.25 18.13
CA ASP A 247 -1.91 2.55 18.44
C ASP A 247 -3.10 3.23 17.81
N LEU A 248 -3.09 4.56 17.84
CA LEU A 248 -4.18 5.38 17.33
C LEU A 248 -4.34 5.19 15.83
N LYS A 249 -3.25 5.41 15.09
CA LYS A 249 -3.26 5.21 13.65
C LYS A 249 -3.69 3.77 13.31
N VAL A 250 -3.13 2.82 14.04
CA VAL A 250 -3.44 1.41 13.84
C VAL A 250 -4.93 1.13 14.02
N LYS A 251 -5.51 1.62 15.10
CA LYS A 251 -6.94 1.39 15.34
C LYS A 251 -7.78 2.10 14.27
N TYR A 252 -7.37 3.30 13.88
CA TYR A 252 -8.05 4.03 12.82
C TYR A 252 -8.12 3.19 11.54
N LEU A 253 -6.97 2.77 11.03
CA LEU A 253 -6.91 2.00 9.79
C LEU A 253 -7.59 0.63 9.94
N ALA A 254 -7.29 -0.04 11.04
CA ALA A 254 -7.94 -1.29 11.39
C ALA A 254 -9.45 -1.13 11.36
N THR A 255 -9.93 0.03 11.84
CA THR A 255 -11.35 0.33 11.82
C THR A 255 -11.83 0.59 10.38
N LEU A 256 -11.01 1.27 9.58
CA LEU A 256 -11.35 1.44 8.17
C LEU A 256 -11.57 0.09 7.49
N GLU A 257 -10.74 -0.89 7.81
CA GLU A 257 -10.91 -2.23 7.23
C GLU A 257 -12.31 -2.83 7.42
N THR A 258 -13.01 -2.44 8.49
CA THR A 258 -14.32 -3.01 8.81
C THR A 258 -15.46 -1.99 8.66
N LEU A 259 -15.12 -0.71 8.69
CA LEU A 259 -16.11 0.35 8.62
C LEU A 259 -16.52 0.66 7.18
N THR A 260 -15.61 0.42 6.24
CA THR A 260 -15.83 0.80 4.85
C THR A 260 -15.85 -0.42 3.91
N LYS A 261 -16.37 -0.21 2.71
CA LYS A 261 -16.48 -1.27 1.71
C LYS A 261 -15.16 -1.57 1.02
N HIS A 262 -14.76 -2.83 1.06
CA HIS A 262 -13.64 -3.33 0.24
C HIS A 262 -12.35 -2.51 0.40
N TYR A 263 -12.02 -2.13 1.63
CA TYR A 263 -10.83 -1.32 1.87
C TYR A 263 -9.57 -2.08 1.45
N GLY A 264 -8.74 -1.42 0.65
CA GLY A 264 -7.48 -2.01 0.20
C GLY A 264 -7.65 -2.92 -1.01
N ALA A 265 -8.88 -3.07 -1.47
CA ALA A 265 -9.18 -3.94 -2.61
C ALA A 265 -9.39 -3.11 -3.87
N GLU A 266 -9.11 -3.71 -5.03
CA GLU A 266 -9.44 -3.06 -6.30
C GLU A 266 -10.38 -3.92 -7.13
N ILE A 267 -11.54 -3.33 -7.46
CA ILE A 267 -12.58 -4.02 -8.19
C ILE A 267 -12.68 -3.49 -9.62
N PHE A 268 -12.58 -4.40 -10.59
CA PHE A 268 -12.68 -4.05 -12.00
C PHE A 268 -13.93 -4.70 -12.59
N GLU A 269 -14.65 -3.93 -13.40
CA GLU A 269 -15.90 -4.41 -14.02
C GLU A 269 -15.66 -4.87 -15.45
N THR A 270 -16.47 -5.83 -15.89
CA THR A 270 -16.41 -6.32 -17.26
C THR A 270 -17.71 -7.00 -17.66
N SER A 271 -17.97 -7.04 -18.96
CA SER A 271 -19.13 -7.74 -19.50
C SER A 271 -18.68 -8.94 -20.33
N MET A 272 -17.37 -9.11 -20.46
CA MET A 272 -16.80 -10.24 -21.18
C MET A 272 -15.69 -10.86 -20.35
N LEU A 273 -16.03 -12.03 -19.78
CA LEU A 273 -15.16 -12.74 -18.85
C LEU A 273 -15.10 -14.21 -19.22
N LEU A 274 -13.90 -14.78 -19.17
CA LEU A 274 -13.69 -16.19 -19.51
C LEU A 274 -12.77 -16.82 -18.47
N ILE A 275 -13.24 -17.88 -17.82
CA ILE A 275 -12.38 -18.70 -16.98
C ILE A 275 -12.33 -20.09 -17.59
N SER A 276 -11.12 -20.61 -17.82
CA SER A 276 -11.01 -21.93 -18.44
C SER A 276 -9.87 -22.75 -17.85
N SER A 277 -10.20 -24.02 -17.56
CA SER A 277 -9.22 -24.98 -17.05
C SER A 277 -9.40 -26.29 -17.77
N GLU A 278 -8.69 -27.31 -17.34
CA GLU A 278 -8.83 -28.65 -17.91
C GLU A 278 -10.09 -29.33 -17.38
N ASN A 279 -10.76 -28.69 -16.42
CA ASN A 279 -11.98 -29.23 -15.82
C ASN A 279 -13.23 -28.45 -16.20
N GLU A 280 -13.09 -27.13 -16.39
CA GLU A 280 -14.24 -26.26 -16.63
C GLU A 280 -13.98 -25.18 -17.66
N MET A 281 -15.05 -24.75 -18.33
CA MET A 281 -15.06 -23.51 -19.08
C MET A 281 -16.28 -22.71 -18.67
N ASN A 282 -16.04 -21.51 -18.15
CA ASN A 282 -17.09 -20.58 -17.82
C ASN A 282 -16.91 -19.30 -18.65
N TRP A 283 -17.86 -19.07 -19.53
CA TRP A 283 -17.79 -17.96 -20.49
C TRP A 283 -18.96 -17.01 -20.27
N PHE A 284 -18.66 -15.87 -19.67
CA PHE A 284 -19.66 -14.87 -19.33
C PHE A 284 -19.65 -13.72 -20.34
N HIS A 285 -20.79 -13.54 -21.01
CA HIS A 285 -20.91 -12.65 -22.15
C HIS A 285 -22.35 -12.17 -22.35
N SER A 286 -22.75 -11.17 -21.59
CA SER A 286 -24.12 -10.64 -21.67
C SER A 286 -24.52 -10.31 -23.10
N VAL A 292 -24.10 -1.78 -20.23
CA VAL A 292 -23.86 -1.94 -18.79
C VAL A 292 -23.01 -3.18 -18.53
N LEU A 293 -22.15 -3.09 -17.52
CA LEU A 293 -21.26 -4.18 -17.16
C LEU A 293 -21.91 -5.09 -16.12
N TYR A 294 -21.65 -6.39 -16.21
CA TYR A 294 -22.35 -7.39 -15.40
C TYR A 294 -21.45 -8.18 -14.45
N TYR A 295 -20.15 -8.21 -14.71
CA TYR A 295 -19.25 -9.05 -13.93
C TYR A 295 -18.11 -8.26 -13.29
N GLU A 296 -17.67 -8.76 -12.14
CA GLU A 296 -16.65 -8.09 -11.32
C GLU A 296 -15.48 -9.00 -11.04
N VAL A 297 -14.28 -8.44 -11.22
CA VAL A 297 -13.03 -9.10 -10.82
C VAL A 297 -12.38 -8.28 -9.72
N MET A 298 -12.23 -8.88 -8.54
CA MET A 298 -11.61 -8.18 -7.41
C MET A 298 -10.19 -8.68 -7.18
N VAL A 299 -9.30 -7.72 -6.92
CA VAL A 299 -7.92 -8.00 -6.59
C VAL A 299 -7.61 -7.52 -5.17
N THR A 300 -7.09 -8.45 -4.35
CA THR A 300 -6.60 -8.12 -3.01
C THR A 300 -5.30 -8.86 -2.70
N GLY A 301 -4.51 -8.28 -1.79
CA GLY A 301 -3.24 -8.85 -1.40
C GLY A 301 -3.34 -10.19 -0.68
N ASN A 302 -4.37 -10.34 0.13
CA ASN A 302 -4.54 -11.56 0.92
C ASN A 302 -5.18 -12.70 0.14
N LEU A 303 -6.22 -12.38 -0.64
CA LEU A 303 -6.99 -13.41 -1.33
C LEU A 303 -6.65 -13.50 -2.82
N GLY A 304 -5.97 -12.49 -3.35
CA GLY A 304 -5.52 -12.52 -4.73
C GLY A 304 -6.59 -12.07 -5.72
N ILE A 305 -6.74 -12.85 -6.79
CA ILE A 305 -7.71 -12.59 -7.83
C ILE A 305 -8.96 -13.45 -7.65
N GLN A 306 -10.08 -12.74 -7.47
CA GLN A 306 -11.41 -13.35 -7.35
C GLN A 306 -12.37 -12.69 -8.33
N TRP A 307 -13.51 -13.35 -8.58
CA TRP A 307 -14.50 -12.81 -9.51
C TRP A 307 -15.93 -13.20 -9.13
N ARG A 308 -16.90 -12.46 -9.64
CA ARG A 308 -18.31 -12.78 -9.40
C ARG A 308 -19.24 -12.02 -10.35
N HIS A 309 -20.50 -12.44 -10.39
CA HIS A 309 -21.55 -11.65 -11.04
C HIS A 309 -21.80 -10.40 -10.23
N LYS A 310 -21.89 -9.26 -10.90
CA LYS A 310 -22.18 -8.00 -10.20
C LYS A 310 -23.60 -8.02 -9.67
N PRO A 311 -23.79 -7.76 -8.36
CA PRO A 311 -25.14 -7.69 -7.80
C PRO A 311 -26.02 -6.65 -8.48
N GLU A 343 -23.92 -12.59 -4.91
CA GLU A 343 -23.08 -13.78 -5.06
C GLU A 343 -21.80 -13.64 -4.23
N GLU A 344 -21.31 -14.77 -3.73
CA GLU A 344 -20.03 -14.80 -3.04
C GLU A 344 -18.88 -14.91 -4.05
N TRP A 345 -17.77 -14.25 -3.76
CA TRP A 345 -16.63 -14.21 -4.66
C TRP A 345 -16.07 -15.60 -4.95
N ASN A 346 -15.76 -15.84 -6.21
CA ASN A 346 -15.11 -17.07 -6.62
C ASN A 346 -13.60 -16.87 -6.68
N ASN A 347 -12.85 -17.77 -6.05
CA ASN A 347 -11.40 -17.72 -6.11
C ASN A 347 -10.88 -18.17 -7.46
N PHE A 348 -10.14 -17.30 -8.14
CA PHE A 348 -9.46 -17.71 -9.35
C PHE A 348 -8.01 -18.06 -9.04
N SER A 349 -7.31 -17.14 -8.36
CA SER A 349 -5.90 -17.42 -8.09
C SER A 349 -5.23 -16.53 -7.07
N PHE A 350 -4.31 -17.10 -6.30
CA PHE A 350 -3.35 -16.33 -5.53
C PHE A 350 -2.14 -16.08 -6.45
N PHE A 351 -1.32 -15.11 -6.10
CA PHE A 351 -0.34 -14.56 -7.03
C PHE A 351 0.80 -15.52 -7.40
N PRO A 352 1.32 -16.29 -6.44
CA PRO A 352 2.43 -17.19 -6.78
C PRO A 352 2.06 -18.30 -7.77
N GLU A 353 0.77 -18.49 -8.03
CA GLU A 353 0.32 -19.53 -8.95
C GLU A 353 0.32 -19.02 -10.39
N ILE A 354 0.41 -17.72 -10.55
CA ILE A 354 0.41 -17.10 -11.87
C ILE A 354 1.76 -17.27 -12.56
N THR A 355 1.74 -17.68 -13.83
CA THR A 355 2.96 -17.84 -14.61
C THR A 355 3.25 -16.59 -15.43
N HIS A 356 2.22 -16.07 -16.09
CA HIS A 356 2.37 -14.86 -16.87
C HIS A 356 1.03 -14.22 -17.24
N ILE A 357 1.11 -12.97 -17.71
CA ILE A 357 -0.04 -12.17 -18.07
C ILE A 357 0.19 -11.52 -19.43
N VAL A 358 -0.79 -11.65 -20.32
CA VAL A 358 -0.70 -11.02 -21.64
C VAL A 358 -1.80 -9.96 -21.78
N ILE A 359 -1.43 -8.82 -22.36
CA ILE A 359 -2.37 -7.75 -22.67
C ILE A 359 -2.49 -7.57 -24.18
N LYS A 360 -3.72 -7.48 -24.66
CA LYS A 360 -3.96 -7.05 -26.03
C LYS A 360 -5.09 -6.03 -26.06
N GLU A 361 -4.73 -4.79 -26.34
CA GLU A 361 -5.67 -3.67 -26.27
C GLU A 361 -6.28 -3.63 -24.86
N SER A 362 -7.59 -3.83 -24.76
CA SER A 362 -8.28 -3.80 -23.47
C SER A 362 -8.41 -5.19 -22.86
N VAL A 363 -7.96 -6.21 -23.59
CA VAL A 363 -8.12 -7.59 -23.16
C VAL A 363 -6.93 -8.07 -22.33
N VAL A 364 -7.24 -8.58 -21.13
CA VAL A 364 -6.22 -9.10 -20.23
C VAL A 364 -6.37 -10.61 -20.08
N SER A 365 -5.26 -11.31 -20.24
CA SER A 365 -5.21 -12.77 -20.11
C SER A 365 -4.20 -13.19 -19.04
N ILE A 366 -4.71 -13.77 -17.96
CA ILE A 366 -3.91 -14.25 -16.84
C ILE A 366 -3.78 -15.77 -16.86
N ASN A 367 -2.55 -16.27 -16.81
CA ASN A 367 -2.30 -17.71 -16.87
C ASN A 367 -1.69 -18.30 -15.60
N LYS A 368 -2.25 -19.40 -15.13
CA LYS A 368 -1.76 -20.10 -13.93
C LYS A 368 -0.85 -21.26 -14.30
N GLN A 369 -0.16 -21.81 -13.28
CA GLN A 369 0.77 -22.92 -13.48
C GLN A 369 0.10 -24.16 -14.04
N ASP A 370 -1.13 -24.44 -13.61
CA ASP A 370 -1.87 -25.61 -14.08
C ASP A 370 -2.62 -25.32 -15.38
N ASN A 371 -2.22 -24.25 -16.06
CA ASN A 371 -2.78 -23.84 -17.35
C ASN A 371 -4.23 -23.34 -17.25
N LYS A 372 -4.77 -23.29 -16.03
CA LYS A 372 -6.04 -22.60 -15.83
C LYS A 372 -5.81 -21.14 -16.14
N LYS A 373 -6.75 -20.51 -16.84
CA LYS A 373 -6.58 -19.13 -17.24
C LYS A 373 -7.84 -18.30 -17.10
N MET A 374 -7.62 -17.00 -16.91
CA MET A 374 -8.70 -16.02 -16.93
C MET A 374 -8.44 -15.03 -18.06
N GLU A 375 -9.50 -14.73 -18.81
CA GLU A 375 -9.45 -13.62 -19.77
C GLU A 375 -10.60 -12.68 -19.50
N LEU A 376 -10.32 -11.38 -19.52
CA LEU A 376 -11.39 -10.40 -19.36
C LEU A 376 -11.17 -9.20 -20.26
N LYS A 377 -12.28 -8.61 -20.73
CA LYS A 377 -12.20 -7.35 -21.47
C LYS A 377 -12.51 -6.15 -20.57
N LEU A 378 -11.52 -5.29 -20.40
CA LEU A 378 -11.69 -4.05 -19.66
C LEU A 378 -12.09 -2.94 -20.62
N SER A 379 -12.20 -1.71 -20.12
CA SER A 379 -12.74 -0.61 -20.90
C SER A 379 -11.68 0.13 -21.72
N SER A 380 -10.41 -0.14 -21.46
CA SER A 380 -9.33 0.48 -22.21
C SER A 380 -8.00 -0.22 -21.98
N HIS A 381 -7.00 0.15 -22.78
CA HIS A 381 -5.65 -0.37 -22.64
C HIS A 381 -5.04 0.15 -21.33
N GLU A 382 -5.41 1.37 -20.97
CA GLU A 382 -4.92 2.00 -19.76
C GLU A 382 -5.39 1.21 -18.53
N GLU A 383 -6.68 0.87 -18.49
CA GLU A 383 -7.24 0.12 -17.38
C GLU A 383 -6.60 -1.27 -17.31
N ALA A 384 -6.28 -1.83 -18.47
CA ALA A 384 -5.59 -3.11 -18.54
C ALA A 384 -4.21 -2.97 -17.88
N LEU A 385 -3.47 -1.94 -18.29
CA LEU A 385 -2.17 -1.67 -17.68
C LEU A 385 -2.30 -1.48 -16.17
N SER A 386 -3.33 -0.77 -15.74
CA SER A 386 -3.60 -0.57 -14.32
C SER A 386 -3.77 -1.91 -13.58
N PHE A 387 -4.71 -2.70 -14.07
CA PHE A 387 -4.99 -4.02 -13.52
C PHE A 387 -3.74 -4.91 -13.44
N VAL A 388 -3.06 -5.05 -14.57
CA VAL A 388 -1.90 -5.92 -14.65
C VAL A 388 -0.76 -5.37 -13.79
N SER A 389 -0.68 -4.05 -13.67
CA SER A 389 0.28 -3.43 -12.76
C SER A 389 -0.02 -3.88 -11.33
N LEU A 390 -1.28 -3.80 -10.93
CA LEU A 390 -1.68 -4.26 -9.61
C LEU A 390 -1.27 -5.70 -9.36
N VAL A 391 -1.70 -6.59 -10.26
CA VAL A 391 -1.41 -8.02 -10.09
C VAL A 391 0.10 -8.28 -10.08
N ASP A 392 0.83 -7.63 -10.98
CA ASP A 392 2.27 -7.81 -11.08
C ASP A 392 2.96 -7.35 -9.79
N GLY A 393 2.54 -6.19 -9.29
CA GLY A 393 3.06 -5.68 -8.03
C GLY A 393 2.85 -6.64 -6.89
N TYR A 394 1.62 -7.13 -6.76
CA TYR A 394 1.34 -8.11 -5.71
C TYR A 394 2.19 -9.38 -5.89
N PHE A 395 2.31 -9.85 -7.12
CA PHE A 395 3.17 -10.99 -7.40
C PHE A 395 4.58 -10.72 -6.89
N ARG A 396 5.08 -9.53 -7.19
CA ARG A 396 6.39 -9.12 -6.71
C ARG A 396 6.44 -9.07 -5.19
N LEU A 397 5.33 -8.65 -4.58
CA LEU A 397 5.26 -8.59 -3.12
C LEU A 397 5.12 -9.96 -2.44
N THR A 398 4.49 -10.93 -3.11
CA THR A 398 4.19 -12.20 -2.47
C THR A 398 4.94 -13.43 -3.02
N ALA A 399 5.44 -13.36 -4.25
CA ALA A 399 5.96 -14.55 -4.93
C ALA A 399 7.45 -14.45 -5.26
N ASP A 400 7.83 -13.39 -5.98
CA ASP A 400 9.21 -13.25 -6.45
C ASP A 400 9.56 -11.77 -6.61
N ALA A 401 10.42 -11.28 -5.74
CA ALA A 401 10.74 -9.85 -5.68
C ALA A 401 11.47 -9.36 -6.92
N HIS A 402 12.14 -10.27 -7.63
CA HIS A 402 12.95 -9.91 -8.79
C HIS A 402 12.42 -10.55 -10.05
N HIS A 403 11.15 -10.32 -10.33
CA HIS A 403 10.48 -10.91 -11.50
C HIS A 403 9.30 -10.04 -11.90
N TYR A 404 8.90 -10.14 -13.18
CA TYR A 404 7.71 -9.44 -13.65
C TYR A 404 6.90 -10.34 -14.58
N LEU A 405 5.58 -10.19 -14.54
CA LEU A 405 4.66 -11.10 -15.22
C LEU A 405 4.26 -10.64 -16.62
N CYS A 406 4.53 -9.38 -16.93
CA CYS A 406 4.08 -8.81 -18.20
C CYS A 406 4.98 -7.65 -18.63
N THR A 407 5.53 -7.76 -19.83
CA THR A 407 6.46 -6.77 -20.37
C THR A 407 5.85 -5.37 -20.42
N ASP A 408 4.55 -5.31 -20.72
CA ASP A 408 3.87 -4.02 -20.90
C ASP A 408 3.92 -3.15 -19.65
N VAL A 409 3.97 -3.79 -18.48
CA VAL A 409 3.98 -3.07 -17.20
C VAL A 409 5.28 -3.29 -16.44
N ALA A 410 6.28 -3.85 -17.10
CA ALA A 410 7.54 -4.22 -16.45
C ALA A 410 8.24 -2.99 -15.86
N PRO A 411 8.43 -2.97 -14.53
CA PRO A 411 9.10 -1.80 -13.95
C PRO A 411 10.54 -1.67 -14.45
N PRO A 412 10.96 -0.45 -14.85
CA PRO A 412 12.33 -0.25 -15.35
C PRO A 412 13.40 -0.76 -14.38
N LEU A 413 13.20 -0.53 -13.09
CA LEU A 413 14.18 -0.89 -12.08
C LEU A 413 14.32 -2.41 -11.94
N ILE A 414 13.19 -3.11 -11.95
CA ILE A 414 13.21 -4.56 -11.87
C ILE A 414 13.93 -5.15 -13.08
N VAL A 415 13.67 -4.59 -14.25
CA VAL A 415 14.33 -5.01 -15.49
C VAL A 415 15.83 -4.79 -15.39
N HIS A 416 16.22 -3.54 -15.15
CA HIS A 416 17.64 -3.18 -15.06
C HIS A 416 18.33 -3.95 -13.94
N ASN A 417 17.61 -4.25 -12.86
CA ASN A 417 18.20 -5.02 -11.76
C ASN A 417 18.35 -6.49 -12.13
N ILE A 418 17.38 -7.03 -12.87
CA ILE A 418 17.51 -8.38 -13.39
C ILE A 418 18.72 -8.45 -14.32
N GLN A 419 18.84 -7.46 -15.21
CA GLN A 419 19.94 -7.42 -16.16
C GLN A 419 21.31 -7.31 -15.48
N ASN A 420 21.35 -6.66 -14.33
CA ASN A 420 22.61 -6.43 -13.61
C ASN A 420 22.80 -7.36 -12.41
N GLY A 421 21.89 -8.33 -12.26
CA GLY A 421 21.97 -9.30 -11.17
C GLY A 421 21.99 -8.65 -9.81
N CYS A 422 21.15 -7.63 -9.63
CA CYS A 422 21.14 -6.83 -8.40
C CYS A 422 19.86 -7.06 -7.59
N HIS A 423 20.02 -7.20 -6.27
CA HIS A 423 18.90 -7.42 -5.37
C HIS A 423 18.22 -6.12 -4.93
N GLY A 424 16.96 -6.22 -4.56
CA GLY A 424 16.25 -5.12 -3.92
C GLY A 424 16.76 -4.93 -2.51
N PRO A 425 16.13 -4.01 -1.75
CA PRO A 425 16.62 -3.64 -0.41
C PRO A 425 16.48 -4.76 0.63
N ILE A 426 17.15 -5.88 0.38
CA ILE A 426 17.18 -7.00 1.32
C ILE A 426 17.97 -6.64 2.56
N CYS A 427 17.71 -7.33 3.66
CA CYS A 427 18.53 -7.21 4.85
C CYS A 427 19.95 -7.70 4.54
N THR A 428 20.93 -7.20 5.29
CA THR A 428 22.32 -7.60 5.07
C THR A 428 22.51 -9.06 5.48
N GLU A 429 21.73 -9.50 6.45
CA GLU A 429 21.79 -10.88 6.93
C GLU A 429 21.56 -11.87 5.79
N TYR A 430 20.54 -11.57 4.97
CA TYR A 430 20.23 -12.41 3.82
C TYR A 430 21.40 -12.48 2.85
N ALA A 431 22.02 -11.34 2.68
CA ALA A 431 23.15 -11.22 1.82
C ALA A 431 24.28 -12.06 2.35
N ILE A 432 24.49 -12.00 3.64
CA ILE A 432 25.56 -12.77 4.23
C ILE A 432 25.29 -14.26 4.05
N ASN A 433 24.09 -14.65 4.42
CA ASN A 433 23.67 -16.05 4.31
C ASN A 433 23.83 -16.56 2.87
N LYS A 434 23.40 -15.75 1.91
CA LYS A 434 23.52 -16.12 0.51
C LYS A 434 24.97 -16.29 0.12
N LEU A 435 25.84 -15.46 0.69
CA LEU A 435 27.28 -15.61 0.48
C LEU A 435 27.81 -16.89 1.15
N ARG A 436 27.33 -17.19 2.35
CA ARG A 436 27.72 -18.42 3.03
C ARG A 436 27.36 -19.64 2.20
N GLN A 437 26.12 -19.65 1.69
CA GLN A 437 25.64 -20.76 0.87
C GLN A 437 26.51 -20.95 -0.36
N GLU A 438 26.74 -19.87 -1.10
CA GLU A 438 27.54 -19.92 -2.32
C GLU A 438 28.48 -18.72 -2.39
N TYR A 445 30.57 -12.11 -4.21
CA TYR A 445 29.98 -10.92 -3.60
C TYR A 445 28.49 -10.84 -3.92
N VAL A 446 27.80 -9.88 -3.29
CA VAL A 446 26.38 -9.65 -3.56
C VAL A 446 26.13 -8.16 -3.76
N LEU A 447 25.30 -7.85 -4.76
CA LEU A 447 24.87 -6.47 -5.01
C LEU A 447 23.43 -6.30 -4.57
N ARG A 448 23.19 -5.29 -3.73
CA ARG A 448 21.85 -5.02 -3.20
C ARG A 448 21.63 -3.53 -3.00
N TRP A 449 20.42 -3.07 -3.30
CA TRP A 449 20.07 -1.68 -3.05
C TRP A 449 20.02 -1.42 -1.55
N SER A 450 20.30 -0.19 -1.15
CA SER A 450 20.32 0.17 0.26
C SER A 450 18.92 0.14 0.86
N CYS A 451 18.86 -0.21 2.15
CA CYS A 451 17.60 -0.19 2.90
C CYS A 451 17.33 1.18 3.49
N THR A 452 18.29 2.09 3.35
CA THR A 452 18.22 3.40 3.99
C THR A 452 17.87 4.52 3.02
N ASP A 453 18.54 4.55 1.86
CA ASP A 453 18.29 5.59 0.87
C ASP A 453 18.36 5.03 -0.56
N PHE A 454 17.84 5.81 -1.50
CA PHE A 454 17.63 5.33 -2.87
C PHE A 454 18.82 5.53 -3.80
N ASP A 455 19.76 6.38 -3.40
CA ASP A 455 20.87 6.75 -4.27
C ASP A 455 22.10 5.88 -4.04
N ASN A 456 21.91 4.73 -3.39
CA ASN A 456 23.04 3.86 -3.05
C ASN A 456 22.79 2.37 -3.26
N ILE A 457 23.78 1.70 -3.85
CA ILE A 457 23.79 0.25 -3.97
C ILE A 457 24.87 -0.31 -3.04
N LEU A 458 24.45 -1.14 -2.09
CA LEU A 458 25.39 -1.80 -1.19
C LEU A 458 25.96 -3.06 -1.83
N MET A 459 27.29 -3.15 -1.83
CA MET A 459 27.99 -4.36 -2.29
C MET A 459 28.62 -5.08 -1.10
N THR A 460 28.26 -6.34 -0.93
CA THR A 460 28.78 -7.16 0.16
C THR A 460 29.79 -8.17 -0.39
N ASN A 479 30.69 -4.72 3.92
CA ASN A 479 29.69 -3.84 3.34
C ASN A 479 30.27 -2.56 2.79
N PHE A 480 30.12 -2.33 1.48
CA PHE A 480 30.66 -1.14 0.84
C PHE A 480 29.66 -0.33 0.03
N GLN A 481 29.71 0.99 0.14
CA GLN A 481 28.79 1.86 -0.58
C GLN A 481 29.12 2.18 -2.00
N ILE A 482 28.13 2.07 -2.85
CA ILE A 482 28.24 2.42 -4.24
C ILE A 482 27.23 3.52 -4.40
N GLU A 483 27.63 4.57 -5.05
CA GLU A 483 26.74 5.71 -5.25
C GLU A 483 26.18 5.73 -6.67
N VAL A 484 24.90 6.09 -6.75
CA VAL A 484 24.21 6.26 -8.02
C VAL A 484 23.74 7.70 -8.15
N GLN A 485 24.48 8.50 -8.92
CA GLN A 485 24.17 9.90 -9.10
C GLN A 485 23.66 10.19 -10.52
N LYS A 486 22.36 10.46 -10.60
CA LYS A 486 21.72 10.91 -11.83
C LYS A 486 22.14 10.08 -13.04
N GLY A 487 21.90 8.78 -12.98
CA GLY A 487 22.17 7.89 -14.08
C GLY A 487 23.59 7.35 -14.08
N ARG A 488 24.48 7.99 -13.32
CA ARG A 488 25.87 7.56 -13.28
C ARG A 488 26.20 6.82 -12.00
N TYR A 489 27.06 5.82 -12.11
CA TYR A 489 27.39 4.93 -11.00
C TYR A 489 28.86 5.09 -10.63
N SER A 490 29.15 5.12 -9.34
CA SER A 490 30.53 5.23 -8.88
C SER A 490 30.72 4.68 -7.48
N LEU A 491 31.97 4.39 -7.13
CA LEU A 491 32.31 3.93 -5.79
C LEU A 491 32.39 5.11 -4.84
N HIS A 492 31.85 4.94 -3.64
CA HIS A 492 31.83 6.01 -2.65
C HIS A 492 33.24 6.39 -2.21
N GLY A 493 33.54 7.69 -2.28
CA GLY A 493 34.85 8.20 -1.91
C GLY A 493 35.69 8.52 -3.13
N SER A 494 35.47 7.78 -4.21
CA SER A 494 36.18 8.01 -5.46
C SER A 494 35.64 9.25 -6.17
N ASP A 495 36.18 9.54 -7.35
CA ASP A 495 35.78 10.72 -8.12
C ASP A 495 35.60 10.36 -9.60
N ARG A 496 35.58 9.07 -9.90
CA ARG A 496 35.37 8.59 -11.26
C ARG A 496 34.06 7.82 -11.36
N SER A 497 33.16 8.31 -12.21
CA SER A 497 31.85 7.67 -12.41
C SER A 497 31.78 6.97 -13.75
N PHE A 498 30.69 6.23 -13.95
CA PHE A 498 30.49 5.45 -15.17
C PHE A 498 29.04 5.61 -15.66
N PRO A 499 28.80 5.38 -16.96
CA PRO A 499 27.45 5.54 -17.50
C PRO A 499 26.47 4.46 -17.02
N SER A 500 27.00 3.40 -16.42
CA SER A 500 26.15 2.30 -15.94
C SER A 500 26.86 1.50 -14.85
N LEU A 501 26.08 0.68 -14.14
CA LEU A 501 26.62 -0.17 -13.09
C LEU A 501 27.58 -1.21 -13.66
N GLY A 502 27.24 -1.75 -14.83
CA GLY A 502 28.06 -2.75 -15.47
C GLY A 502 29.48 -2.30 -15.74
N ASP A 503 29.61 -1.08 -16.27
CA ASP A 503 30.93 -0.53 -16.56
C ASP A 503 31.72 -0.34 -15.27
N LEU A 504 31.05 0.18 -14.24
CA LEU A 504 31.64 0.33 -12.93
C LEU A 504 32.18 -1.01 -12.44
N MET A 505 31.35 -2.04 -12.51
CA MET A 505 31.75 -3.39 -12.12
C MET A 505 32.96 -3.84 -12.92
N SER A 506 32.88 -3.71 -14.23
CA SER A 506 33.97 -4.08 -15.13
C SER A 506 35.27 -3.43 -14.69
N HIS A 507 35.22 -2.13 -14.39
CA HIS A 507 36.38 -1.42 -13.89
C HIS A 507 36.78 -1.89 -12.50
N LEU A 508 35.79 -2.13 -11.65
CA LEU A 508 35.99 -2.56 -10.28
C LEU A 508 36.65 -3.92 -10.06
N LYS A 509 36.35 -4.85 -10.94
CA LYS A 509 36.87 -6.20 -10.85
C LYS A 509 38.37 -6.28 -11.05
N LYS A 510 38.91 -5.26 -11.68
CA LYS A 510 40.33 -5.15 -11.96
C LYS A 510 41.16 -4.54 -10.86
N GLN A 511 40.52 -4.16 -9.77
CA GLN A 511 41.16 -3.46 -8.66
C GLN A 511 41.47 -4.38 -7.47
N ILE A 512 42.51 -4.03 -6.72
CA ILE A 512 42.84 -4.69 -5.46
C ILE A 512 42.24 -3.89 -4.31
N LEU A 513 41.09 -4.33 -3.80
CA LEU A 513 40.41 -3.58 -2.75
C LEU A 513 41.10 -3.77 -1.40
N ARG A 514 41.39 -2.64 -0.75
CA ARG A 514 42.05 -2.64 0.55
C ARG A 514 41.15 -2.11 1.65
N THR A 515 41.01 -2.88 2.72
CA THR A 515 40.43 -2.40 3.96
C THR A 515 41.52 -2.46 5.04
N ASP A 516 41.21 -1.95 6.22
CA ASP A 516 42.19 -1.88 7.31
C ASP A 516 42.89 -3.22 7.55
N ASN A 517 44.14 -3.32 7.12
CA ASN A 517 44.95 -4.52 7.33
C ASN A 517 44.49 -5.73 6.53
N ILE A 518 43.76 -5.49 5.44
CA ILE A 518 43.28 -6.57 4.58
C ILE A 518 43.17 -6.13 3.11
N SER A 519 43.54 -7.02 2.20
CA SER A 519 43.47 -6.76 0.77
C SER A 519 42.81 -7.92 0.03
N PHE A 520 42.00 -7.61 -0.98
CA PHE A 520 41.33 -8.65 -1.76
C PHE A 520 40.78 -8.12 -3.08
N MET A 521 40.21 -9.04 -3.86
CA MET A 521 39.63 -8.73 -5.14
C MET A 521 38.25 -9.33 -5.28
N LEU A 522 37.35 -8.63 -5.94
CA LEU A 522 36.00 -9.14 -6.15
C LEU A 522 36.04 -10.37 -7.01
N LYS A 523 35.26 -11.38 -6.66
CA LYS A 523 35.29 -12.59 -7.44
C LYS A 523 34.08 -12.76 -8.31
N ARG A 524 33.00 -13.25 -7.74
CA ARG A 524 31.79 -13.48 -8.51
C ARG A 524 30.57 -13.03 -7.77
N CYS A 525 29.56 -12.68 -8.53
CA CYS A 525 28.33 -12.22 -7.98
C CYS A 525 27.25 -13.28 -7.86
N CYS A 526 26.73 -13.42 -6.65
CA CYS A 526 25.63 -14.32 -6.35
C CYS A 526 24.31 -13.62 -6.60
N GLN A 527 23.89 -13.59 -7.86
CA GLN A 527 22.69 -12.87 -8.27
C GLN A 527 21.42 -13.54 -7.73
N PRO A 528 20.30 -12.80 -7.69
CA PRO A 528 19.07 -13.37 -7.12
C PRO A 528 18.59 -14.63 -7.84
N LYS A 529 17.97 -15.54 -7.09
CA LYS A 529 17.42 -16.77 -7.64
C LYS A 529 15.89 -16.71 -7.57
N PRO A 530 15.22 -17.49 -8.43
CA PRO A 530 13.75 -17.48 -8.48
C PRO A 530 13.05 -17.79 -7.16
N ARG A 531 12.10 -16.93 -6.77
CA ARG A 531 11.18 -17.21 -5.68
C ARG A 531 11.89 -17.50 -4.35
N GLU A 532 13.05 -16.89 -4.14
CA GLU A 532 13.77 -17.05 -2.88
C GLU A 532 13.22 -16.11 -1.81
N ILE A 533 13.19 -16.60 -0.57
CA ILE A 533 12.63 -15.85 0.54
C ILE A 533 13.51 -14.68 0.95
N SER A 534 12.87 -13.56 1.29
CA SER A 534 13.56 -12.41 1.87
C SER A 534 12.53 -11.47 2.49
N ASN A 535 13.01 -10.46 3.21
CA ASN A 535 12.11 -9.50 3.85
C ASN A 535 11.36 -8.64 2.82
N LEU A 536 11.70 -8.80 1.54
CA LEU A 536 11.00 -8.11 0.47
C LEU A 536 9.65 -8.76 0.20
N LEU A 537 9.45 -9.98 0.72
CA LEU A 537 8.23 -10.73 0.47
C LEU A 537 7.34 -10.79 1.70
N VAL A 538 6.03 -10.73 1.46
CA VAL A 538 5.04 -10.71 2.52
C VAL A 538 4.42 -12.10 2.71
N ALA A 539 4.62 -12.68 3.89
CA ALA A 539 4.05 -13.98 4.21
C ALA A 539 2.63 -13.83 4.72
N THR A 540 1.71 -14.60 4.14
CA THR A 540 0.30 -14.56 4.53
C THR A 540 -0.25 -15.96 4.74
N THR B 4 -41.83 15.35 16.18
CA THR B 4 -41.03 15.53 17.39
C THR B 4 -39.56 15.78 17.05
N LEU B 5 -38.90 16.59 17.86
CA LEU B 5 -37.50 16.93 17.62
C LEU B 5 -36.55 15.83 18.09
N MET B 6 -36.94 15.13 19.16
CA MET B 6 -36.06 14.13 19.77
C MET B 6 -36.42 12.70 19.35
N GLY B 7 -37.39 12.56 18.45
CA GLY B 7 -37.84 11.25 18.02
C GLY B 7 -36.95 10.63 16.96
N ASN B 8 -35.67 10.49 17.27
CA ASN B 8 -34.72 9.86 16.35
C ASN B 8 -33.56 9.22 17.13
N PRO B 9 -32.82 8.31 16.48
CA PRO B 9 -31.80 7.50 17.17
C PRO B 9 -30.72 8.29 17.92
N TRP B 10 -30.46 9.53 17.51
CA TRP B 10 -29.38 10.30 18.12
C TRP B 10 -29.68 10.69 19.58
N PHE B 11 -30.92 10.47 20.01
CA PHE B 11 -31.31 10.75 21.38
C PHE B 11 -31.41 9.47 22.20
N GLN B 12 -30.77 8.41 21.69
CA GLN B 12 -30.49 7.23 22.49
C GLN B 12 -29.43 7.60 23.52
N ARG B 13 -29.28 6.80 24.55
CA ARG B 13 -28.23 7.03 25.53
C ARG B 13 -26.88 6.89 24.84
N LYS B 14 -25.97 7.80 25.14
CA LYS B 14 -24.62 7.76 24.55
C LYS B 14 -23.97 6.42 24.81
N LYS B 15 -23.25 5.93 23.80
CA LYS B 15 -22.45 4.72 23.96
C LYS B 15 -21.12 4.93 23.27
N LEU B 16 -20.03 4.67 23.99
CA LEU B 16 -18.70 4.91 23.47
C LEU B 16 -18.44 4.04 22.24
N PRO B 17 -18.11 4.68 21.10
CA PRO B 17 -17.74 3.89 19.92
C PRO B 17 -16.63 2.89 20.22
N SER B 18 -16.75 1.67 19.71
CA SER B 18 -15.77 0.63 19.98
C SER B 18 -14.41 1.01 19.42
N VAL B 19 -14.41 1.89 18.43
CA VAL B 19 -13.17 2.40 17.85
C VAL B 19 -12.37 3.17 18.89
N LEU B 20 -13.05 3.67 19.91
CA LEU B 20 -12.39 4.38 21.01
C LEU B 20 -12.11 3.48 22.20
N LEU B 21 -12.40 2.18 22.05
CA LEU B 21 -12.12 1.20 23.10
C LEU B 21 -10.78 0.54 22.90
N PHE B 22 -9.78 0.98 23.67
CA PHE B 22 -8.45 0.40 23.64
C PHE B 22 -8.27 -0.54 24.82
N LYS B 23 -8.56 -1.81 24.64
CA LYS B 23 -8.49 -2.79 25.72
C LYS B 23 -7.13 -2.98 26.34
N LYS B 24 -7.12 -3.36 27.60
CA LYS B 24 -5.88 -3.60 28.28
C LYS B 24 -6.05 -4.82 29.11
N PRO B 25 -4.88 -5.46 29.49
CA PRO B 25 -5.07 -6.69 30.26
C PRO B 25 -5.73 -6.42 31.57
N SER B 26 -5.28 -5.39 32.25
CA SER B 26 -5.86 -5.05 33.52
C SER B 26 -5.80 -6.12 34.60
N PRO B 27 -4.64 -6.87 34.67
CA PRO B 27 -4.61 -7.85 35.76
C PRO B 27 -4.52 -7.16 37.09
N PHE B 28 -5.01 -7.76 38.15
CA PHE B 28 -4.98 -7.12 39.46
C PHE B 28 -4.57 -8.01 40.64
N ILE B 29 -4.05 -7.39 41.69
CA ILE B 29 -3.65 -8.13 42.86
C ILE B 29 -4.12 -7.46 44.10
N PHE B 30 -4.47 -8.26 45.09
CA PHE B 30 -4.94 -7.81 46.39
C PHE B 30 -3.83 -7.96 47.39
N ILE B 31 -3.25 -6.84 47.79
CA ILE B 31 -2.18 -6.85 48.76
C ILE B 31 -2.68 -6.09 49.97
N SER B 32 -2.58 -6.72 51.14
CA SER B 32 -3.04 -6.06 52.35
C SER B 32 -1.84 -5.62 53.18
#